data_1QWK
#
_entry.id   1QWK
#
_cell.length_a   65.050
_cell.length_b   89.570
_cell.length_c   116.420
_cell.angle_alpha   90.00
_cell.angle_beta   90.00
_cell.angle_gamma   90.00
#
_symmetry.space_group_name_H-M   'C 2 2 21'
#
loop_
_entity.id
_entity.type
_entity.pdbx_description
1 polymer 'aldo-keto reductase family 1 member C1'
2 water water
#
_entity_poly.entity_id   1
_entity_poly.type   'polypeptide(L)'
_entity_poly.pdbx_seq_one_letter_code
;MSSATASIKLSNGVEMPVIGLGTWQSSPAEVITAVKTAVKAGYRLIDTASVYQNEEAIGTAIKELLEEGVVKREELFITT
KAWTHELAPGKLEGGLRESLKKLQLEYVDLYLAHMPAAFNDDMSEHIASPVEDVWRQFDAVYKAGLAKAVGVSNWNNDQI
SRALALGLTPVHNSQVELHLYFPQHDHVDFCKKHNISVTSYATLGSPGRVNFTLPTGQKLDWAPAPSDLQDQNVLALAEK
THKTPAQVLLRYALDRGCAILPKSIQENRIKENFEVFDFSLTEEDIAKLEESKNSQRLFLQDFMTGHPEDAFAAERK
;
_entity_poly.pdbx_strand_id   A
#
# COMPACT_ATOMS: atom_id res chain seq x y z
N THR A 5 13.93 -10.40 -8.88
CA THR A 5 12.74 -9.73 -8.29
C THR A 5 12.36 -8.49 -9.09
N ALA A 6 11.16 -8.48 -9.67
CA ALA A 6 10.70 -7.33 -10.45
C ALA A 6 10.57 -6.15 -9.50
N SER A 7 11.27 -5.06 -9.80
CA SER A 7 11.24 -3.90 -8.92
C SER A 7 11.23 -2.55 -9.62
N ILE A 8 10.90 -1.52 -8.85
CA ILE A 8 10.88 -0.14 -9.32
C ILE A 8 12.06 0.54 -8.62
N LYS A 9 12.84 1.30 -9.38
CA LYS A 9 13.99 1.98 -8.81
C LYS A 9 13.57 3.34 -8.26
N LEU A 10 13.76 3.52 -6.95
CA LEU A 10 13.41 4.78 -6.29
C LEU A 10 14.45 5.84 -6.66
N SER A 11 14.13 7.12 -6.45
CA SER A 11 15.04 8.20 -6.82
C SER A 11 16.42 8.15 -6.15
N ASN A 12 16.54 7.44 -5.04
CA ASN A 12 17.82 7.32 -4.35
C ASN A 12 18.54 6.01 -4.68
N GLY A 13 18.03 5.29 -5.68
CA GLY A 13 18.66 4.05 -6.10
C GLY A 13 18.13 2.77 -5.48
N VAL A 14 17.34 2.90 -4.41
CA VAL A 14 16.78 1.73 -3.75
C VAL A 14 15.76 1.04 -4.66
N GLU A 15 15.88 -0.29 -4.76
CA GLU A 15 14.96 -1.09 -5.58
C GLU A 15 13.79 -1.59 -4.74
N MET A 16 12.57 -1.27 -5.16
CA MET A 16 11.36 -1.68 -4.45
C MET A 16 10.53 -2.67 -5.27
N PRO A 17 10.32 -3.89 -4.74
CA PRO A 17 9.52 -4.89 -5.47
C PRO A 17 8.18 -4.32 -5.90
N VAL A 18 7.77 -4.61 -7.13
CA VAL A 18 6.53 -4.10 -7.70
C VAL A 18 5.27 -4.68 -7.08
N ILE A 19 5.39 -5.85 -6.43
CA ILE A 19 4.24 -6.46 -5.80
C ILE A 19 4.61 -6.83 -4.38
N GLY A 20 3.70 -6.57 -3.45
CA GLY A 20 3.98 -6.89 -2.07
C GLY A 20 2.72 -7.37 -1.39
N LEU A 21 2.89 -7.91 -0.19
CA LEU A 21 1.76 -8.39 0.60
C LEU A 21 1.25 -7.24 1.46
N GLY A 22 -0.01 -6.88 1.27
CA GLY A 22 -0.61 -5.83 2.08
C GLY A 22 -1.18 -6.52 3.30
N THR A 23 -0.79 -6.07 4.49
CA THR A 23 -1.27 -6.72 5.72
C THR A 23 -2.34 -5.97 6.51
N TRP A 24 -2.90 -4.90 5.98
CA TRP A 24 -3.91 -4.14 6.72
C TRP A 24 -5.16 -4.93 7.10
N GLN A 25 -5.37 -6.08 6.47
CA GLN A 25 -6.52 -6.93 6.76
C GLN A 25 -6.10 -8.26 7.38
N SER A 26 -4.99 -8.26 8.11
CA SER A 26 -4.50 -9.48 8.72
C SER A 26 -4.22 -9.35 10.22
N SER A 27 -4.75 -10.29 11.00
CA SER A 27 -4.53 -10.29 12.43
C SER A 27 -3.15 -10.91 12.67
N PRO A 28 -2.60 -10.75 13.87
CA PRO A 28 -1.27 -11.32 14.19
C PRO A 28 -1.14 -12.80 13.83
N ALA A 29 -2.18 -13.58 14.09
CA ALA A 29 -2.14 -15.01 13.80
C ALA A 29 -2.23 -15.30 12.30
N GLU A 30 -3.11 -14.60 11.61
CA GLU A 30 -3.28 -14.78 10.16
C GLU A 30 -2.08 -14.26 9.38
N VAL A 31 -1.48 -13.17 9.84
CA VAL A 31 -0.36 -12.59 9.12
C VAL A 31 0.89 -13.46 9.06
N ILE A 32 1.15 -14.23 10.11
CA ILE A 32 2.32 -15.10 10.10
C ILE A 32 2.23 -16.09 8.94
N THR A 33 1.09 -16.78 8.84
CA THR A 33 0.88 -17.74 7.77
C THR A 33 0.87 -17.05 6.41
N ALA A 34 0.28 -15.86 6.36
CA ALA A 34 0.21 -15.10 5.13
C ALA A 34 1.59 -14.67 4.64
N VAL A 35 2.42 -14.17 5.55
CA VAL A 35 3.75 -13.72 5.18
C VAL A 35 4.60 -14.87 4.66
N LYS A 36 4.61 -15.99 5.39
CA LYS A 36 5.40 -17.14 4.97
C LYS A 36 4.94 -17.70 3.62
N THR A 37 3.62 -17.72 3.42
CA THR A 37 3.07 -18.22 2.16
C THR A 37 3.49 -17.32 1.02
N ALA A 38 3.40 -16.01 1.24
CA ALA A 38 3.73 -15.03 0.23
C ALA A 38 5.21 -15.10 -0.15
N VAL A 39 6.09 -15.13 0.85
CA VAL A 39 7.51 -15.18 0.57
C VAL A 39 7.90 -16.47 -0.15
N LYS A 40 7.31 -17.60 0.26
CA LYS A 40 7.63 -18.86 -0.40
C LYS A 40 7.09 -18.86 -1.83
N ALA A 41 6.06 -18.05 -2.09
CA ALA A 41 5.47 -17.95 -3.42
C ALA A 41 6.27 -17.04 -4.34
N GLY A 42 7.06 -16.13 -3.77
CA GLY A 42 7.85 -15.24 -4.58
C GLY A 42 7.79 -13.78 -4.16
N TYR A 43 6.84 -13.44 -3.29
CA TYR A 43 6.71 -12.06 -2.83
C TYR A 43 7.96 -11.64 -2.09
N ARG A 44 8.44 -10.43 -2.34
CA ARG A 44 9.64 -9.96 -1.67
C ARG A 44 9.43 -8.63 -0.95
N LEU A 45 8.18 -8.20 -0.85
CA LEU A 45 7.85 -6.97 -0.13
C LEU A 45 6.68 -7.23 0.80
N ILE A 46 6.81 -6.77 2.03
CA ILE A 46 5.78 -6.89 3.05
C ILE A 46 5.44 -5.47 3.51
N ASP A 47 4.17 -5.11 3.45
CA ASP A 47 3.72 -3.79 3.84
C ASP A 47 2.91 -3.84 5.13
N THR A 48 3.35 -3.09 6.13
CA THR A 48 2.66 -3.06 7.41
C THR A 48 2.53 -1.63 7.91
N ALA A 49 2.07 -1.48 9.15
CA ALA A 49 1.90 -0.17 9.77
C ALA A 49 1.78 -0.35 11.27
N SER A 50 2.30 0.61 12.02
CA SER A 50 2.23 0.52 13.47
C SER A 50 0.78 0.35 13.94
N VAL A 51 -0.14 1.04 13.28
CA VAL A 51 -1.56 0.98 13.68
C VAL A 51 -2.24 -0.39 13.48
N TYR A 52 -1.68 -1.23 12.62
CA TYR A 52 -2.28 -2.55 12.39
C TYR A 52 -2.07 -3.49 13.59
N GLN A 53 -1.10 -3.16 14.43
CA GLN A 53 -0.78 -3.95 15.61
C GLN A 53 -0.37 -5.38 15.22
N ASN A 54 0.26 -5.53 14.05
CA ASN A 54 0.70 -6.85 13.61
C ASN A 54 2.20 -6.89 13.29
N GLU A 55 2.91 -5.84 13.64
CA GLU A 55 4.35 -5.79 13.37
C GLU A 55 5.12 -6.86 14.14
N GLU A 56 4.71 -7.13 15.38
CA GLU A 56 5.38 -8.13 16.18
C GLU A 56 5.26 -9.51 15.53
N ALA A 57 4.07 -9.82 15.03
CA ALA A 57 3.82 -11.09 14.37
C ALA A 57 4.65 -11.20 13.09
N ILE A 58 4.71 -10.09 12.34
CA ILE A 58 5.49 -10.07 11.11
C ILE A 58 6.96 -10.30 11.42
N GLY A 59 7.42 -9.75 12.54
CA GLY A 59 8.81 -9.91 12.94
C GLY A 59 9.08 -11.38 13.19
N THR A 60 8.13 -12.06 13.81
CA THR A 60 8.27 -13.48 14.09
C THR A 60 8.29 -14.27 12.78
N ALA A 61 7.42 -13.89 11.86
CA ALA A 61 7.36 -14.56 10.56
C ALA A 61 8.69 -14.44 9.82
N ILE A 62 9.24 -13.23 9.80
CA ILE A 62 10.51 -12.99 9.13
C ILE A 62 11.63 -13.80 9.79
N LYS A 63 11.60 -13.84 11.12
CA LYS A 63 12.60 -14.57 11.87
C LYS A 63 12.58 -16.04 11.44
N GLU A 64 11.39 -16.63 11.39
CA GLU A 64 11.24 -18.03 10.98
C GLU A 64 11.73 -18.26 9.56
N LEU A 65 11.41 -17.33 8.65
CA LEU A 65 11.83 -17.43 7.27
C LEU A 65 13.35 -17.45 7.16
N LEU A 66 14.01 -16.60 7.94
CA LEU A 66 15.47 -16.53 7.92
C LEU A 66 16.10 -17.81 8.46
N GLU A 67 15.54 -18.33 9.56
CA GLU A 67 16.05 -19.56 10.16
C GLU A 67 15.85 -20.76 9.24
N GLU A 68 14.77 -20.74 8.47
CA GLU A 68 14.47 -21.82 7.54
C GLU A 68 15.32 -21.72 6.29
N GLY A 69 16.00 -20.59 6.13
CA GLY A 69 16.85 -20.40 4.96
C GLY A 69 16.09 -20.07 3.69
N VAL A 70 14.84 -19.66 3.84
CA VAL A 70 14.01 -19.32 2.69
C VAL A 70 14.55 -18.07 1.98
N VAL A 71 14.91 -17.06 2.78
CA VAL A 71 15.45 -15.83 2.23
C VAL A 71 16.39 -15.18 3.24
N LYS A 72 17.10 -14.15 2.79
CA LYS A 72 18.01 -13.39 3.65
C LYS A 72 17.37 -12.02 3.80
N ARG A 73 17.71 -11.32 4.88
CA ARG A 73 17.17 -9.99 5.14
C ARG A 73 17.28 -9.07 3.93
N GLU A 74 18.45 -9.05 3.33
CA GLU A 74 18.71 -8.20 2.17
C GLU A 74 17.78 -8.46 0.99
N GLU A 75 17.20 -9.65 0.94
CA GLU A 75 16.30 -10.02 -0.15
C GLU A 75 14.86 -9.56 0.09
N LEU A 76 14.57 -9.13 1.31
CA LEU A 76 13.22 -8.69 1.65
C LEU A 76 13.13 -7.17 1.77
N PHE A 77 12.00 -6.63 1.31
CA PHE A 77 11.75 -5.19 1.37
C PHE A 77 10.61 -5.02 2.36
N ILE A 78 10.90 -4.38 3.49
CA ILE A 78 9.90 -4.16 4.53
C ILE A 78 9.48 -2.69 4.61
N THR A 79 8.18 -2.46 4.51
CA THR A 79 7.60 -1.12 4.58
C THR A 79 6.72 -0.98 5.81
N THR A 80 6.87 0.10 6.56
CA THR A 80 5.97 0.30 7.68
C THR A 80 5.59 1.78 7.68
N LYS A 81 4.59 2.13 8.49
CA LYS A 81 4.10 3.49 8.51
C LYS A 81 3.84 4.05 9.90
N ALA A 82 4.13 5.34 10.07
CA ALA A 82 3.91 6.01 11.35
C ALA A 82 2.45 6.46 11.43
N TRP A 83 1.81 6.20 12.56
CA TRP A 83 0.41 6.58 12.74
C TRP A 83 0.31 8.06 13.14
N THR A 84 -0.92 8.58 13.22
CA THR A 84 -1.15 9.99 13.53
C THR A 84 -0.49 10.59 14.76
N HIS A 85 -0.39 9.83 15.85
CA HIS A 85 0.22 10.34 17.07
C HIS A 85 1.75 10.34 16.97
N GLU A 86 2.29 9.54 16.06
CA GLU A 86 3.73 9.47 15.88
C GLU A 86 4.22 10.58 14.95
N LEU A 87 3.30 11.25 14.28
CA LEU A 87 3.64 12.34 13.36
C LEU A 87 3.90 13.65 14.10
N ALA A 88 3.44 13.72 15.35
CA ALA A 88 3.61 14.92 16.17
C ALA A 88 5.07 15.29 16.37
N PRO A 89 5.35 16.58 16.61
CA PRO A 89 6.71 17.05 16.83
C PRO A 89 7.53 16.20 17.79
N GLY A 90 8.70 15.76 17.31
CA GLY A 90 9.60 14.95 18.11
C GLY A 90 9.16 13.54 18.46
N LYS A 91 8.08 13.07 17.84
CA LYS A 91 7.58 11.73 18.15
C LYS A 91 7.90 10.65 17.10
N LEU A 92 8.35 11.05 15.93
CA LEU A 92 8.62 10.08 14.87
C LEU A 92 9.73 9.06 15.15
N GLU A 93 10.89 9.52 15.57
CA GLU A 93 12.00 8.61 15.83
C GLU A 93 11.60 7.54 16.84
N GLY A 94 10.96 7.96 17.92
CA GLY A 94 10.53 7.01 18.93
C GLY A 94 9.59 5.97 18.35
N GLY A 95 8.68 6.43 17.51
CA GLY A 95 7.73 5.51 16.89
C GLY A 95 8.43 4.51 15.98
N LEU A 96 9.38 4.98 15.18
CA LEU A 96 10.09 4.10 14.28
C LEU A 96 10.93 3.08 15.05
N ARG A 97 11.61 3.53 16.11
CA ARG A 97 12.41 2.60 16.88
C ARG A 97 11.56 1.53 17.53
N GLU A 98 10.33 1.89 17.89
CA GLU A 98 9.42 0.91 18.49
C GLU A 98 9.00 -0.10 17.42
N SER A 99 8.72 0.38 16.21
CA SER A 99 8.34 -0.52 15.12
C SER A 99 9.50 -1.47 14.80
N LEU A 100 10.73 -0.94 14.82
CA LEU A 100 11.91 -1.75 14.54
C LEU A 100 12.09 -2.84 15.60
N LYS A 101 11.78 -2.50 16.85
CA LYS A 101 11.91 -3.47 17.93
C LYS A 101 10.93 -4.63 17.71
N LYS A 102 9.69 -4.29 17.39
CA LYS A 102 8.66 -5.31 17.14
C LYS A 102 8.99 -6.16 15.92
N LEU A 103 9.50 -5.51 14.88
CA LEU A 103 9.85 -6.20 13.64
C LEU A 103 11.16 -6.98 13.77
N GLN A 104 11.91 -6.71 14.84
CA GLN A 104 13.20 -7.34 15.09
C GLN A 104 14.16 -7.02 13.94
N LEU A 105 14.12 -5.78 13.48
CA LEU A 105 14.98 -5.34 12.38
C LEU A 105 15.85 -4.16 12.81
N GLU A 106 16.96 -3.96 12.12
CA GLU A 106 17.86 -2.86 12.43
C GLU A 106 17.44 -1.62 11.63
N TYR A 107 16.65 -1.85 10.59
CA TYR A 107 16.17 -0.76 9.74
C TYR A 107 15.03 -1.26 8.86
N VAL A 108 14.25 -0.34 8.31
CA VAL A 108 13.18 -0.72 7.41
C VAL A 108 13.57 -0.16 6.04
N ASP A 109 13.08 -0.78 4.98
CA ASP A 109 13.42 -0.34 3.64
C ASP A 109 12.67 0.93 3.26
N LEU A 110 11.45 1.07 3.75
CA LEU A 110 10.64 2.26 3.46
C LEU A 110 9.78 2.61 4.66
N TYR A 111 9.79 3.89 5.04
CA TYR A 111 9.02 4.38 6.18
C TYR A 111 8.12 5.50 5.70
N LEU A 112 6.81 5.35 5.89
CA LEU A 112 5.84 6.34 5.42
C LEU A 112 5.01 7.02 6.50
N ALA A 113 4.60 8.25 6.22
CA ALA A 113 3.69 8.94 7.14
C ALA A 113 2.37 8.31 6.66
N HIS A 114 1.67 7.59 7.55
CA HIS A 114 0.42 6.91 7.18
C HIS A 114 -0.66 7.89 6.75
N MET A 115 -0.59 9.10 7.28
CA MET A 115 -1.54 10.17 6.97
C MET A 115 -0.76 11.48 7.05
N PRO A 116 -1.37 12.58 6.63
CA PRO A 116 -0.71 13.89 6.70
C PRO A 116 -1.16 14.66 7.94
N ALA A 117 -2.18 14.14 8.62
CA ALA A 117 -2.76 14.79 9.80
C ALA A 117 -2.39 14.20 11.16
N ALA A 118 -1.74 15.02 12.00
CA ALA A 118 -1.33 14.58 13.32
C ALA A 118 -2.46 14.68 14.36
N PHE A 119 -2.47 13.74 15.30
CA PHE A 119 -3.47 13.67 16.37
C PHE A 119 -2.76 13.32 17.67
N ASN A 120 -3.46 13.44 18.79
CA ASN A 120 -2.90 13.07 20.08
C ASN A 120 -3.13 11.56 20.22
N ASP A 121 -2.73 10.98 21.35
CA ASP A 121 -2.85 9.55 21.62
C ASP A 121 -4.17 8.84 21.30
N ASP A 122 -5.29 9.37 21.79
CA ASP A 122 -6.57 8.70 21.53
C ASP A 122 -7.34 9.38 20.40
N MET A 123 -6.64 10.20 19.64
CA MET A 123 -7.23 10.90 18.51
C MET A 123 -8.46 11.72 18.92
N SER A 124 -8.41 12.28 20.11
CA SER A 124 -9.50 13.10 20.61
C SER A 124 -9.21 14.57 20.33
N GLU A 125 -7.99 14.85 19.86
CA GLU A 125 -7.62 16.22 19.56
C GLU A 125 -6.70 16.31 18.35
N HIS A 126 -6.93 17.32 17.52
CA HIS A 126 -6.11 17.54 16.33
C HIS A 126 -4.82 18.24 16.75
N ILE A 127 -3.73 17.92 16.07
CA ILE A 127 -2.46 18.59 16.33
C ILE A 127 -2.13 19.21 14.98
N ALA A 128 -2.22 20.55 14.93
CA ALA A 128 -1.98 21.29 13.72
C ALA A 128 -0.51 21.44 13.34
N SER A 129 0.15 20.31 13.14
CA SER A 129 1.56 20.32 12.75
C SER A 129 1.62 20.29 11.23
N PRO A 130 2.10 21.38 10.61
CA PRO A 130 2.18 21.41 9.14
C PRO A 130 2.96 20.25 8.56
N VAL A 131 2.59 19.81 7.36
CA VAL A 131 3.28 18.69 6.73
C VAL A 131 4.77 18.98 6.58
N GLU A 132 5.14 20.25 6.55
CA GLU A 132 6.55 20.60 6.44
C GLU A 132 7.30 20.13 7.68
N ASP A 133 6.68 20.32 8.85
CA ASP A 133 7.32 19.90 10.10
C ASP A 133 7.35 18.38 10.19
N VAL A 134 6.31 17.74 9.68
CA VAL A 134 6.23 16.28 9.69
C VAL A 134 7.35 15.73 8.80
N TRP A 135 7.48 16.29 7.61
CA TRP A 135 8.51 15.80 6.70
C TRP A 135 9.94 15.97 7.24
N ARG A 136 10.19 17.05 7.98
CA ARG A 136 11.53 17.25 8.53
C ARG A 136 11.92 16.07 9.42
N GLN A 137 10.96 15.47 10.11
CA GLN A 137 11.28 14.32 10.96
C GLN A 137 11.63 13.10 10.12
N PHE A 138 11.00 12.97 8.96
CA PHE A 138 11.27 11.85 8.08
C PHE A 138 12.67 12.01 7.48
N ASP A 139 13.02 13.24 7.16
CA ASP A 139 14.35 13.54 6.62
C ASP A 139 15.38 13.09 7.64
N ALA A 140 15.12 13.37 8.91
CA ALA A 140 16.03 13.02 9.99
C ALA A 140 16.22 11.51 10.18
N VAL A 141 15.13 10.75 10.19
CA VAL A 141 15.25 9.30 10.37
C VAL A 141 15.94 8.67 9.16
N TYR A 142 15.74 9.25 7.98
CA TYR A 142 16.38 8.76 6.76
C TYR A 142 17.89 8.97 6.90
N LYS A 143 18.29 10.17 7.28
CA LYS A 143 19.70 10.49 7.43
C LYS A 143 20.35 9.67 8.54
N ALA A 144 19.54 9.25 9.52
CA ALA A 144 20.06 8.45 10.62
C ALA A 144 20.28 7.01 10.19
N GLY A 145 19.76 6.65 9.02
CA GLY A 145 19.92 5.30 8.51
C GLY A 145 18.91 4.29 9.02
N LEU A 146 17.87 4.76 9.68
CA LEU A 146 16.82 3.90 10.22
C LEU A 146 15.87 3.42 9.13
N ALA A 147 15.80 4.18 8.03
CA ALA A 147 14.94 3.83 6.91
C ALA A 147 15.72 4.05 5.62
N LYS A 148 15.70 3.08 4.72
CA LYS A 148 16.45 3.18 3.46
C LYS A 148 15.76 4.09 2.45
N ALA A 149 14.52 4.47 2.75
CA ALA A 149 13.74 5.35 1.89
C ALA A 149 12.57 5.86 2.72
N VAL A 150 12.04 7.03 2.37
CA VAL A 150 10.93 7.61 3.11
C VAL A 150 9.84 8.12 2.16
N GLY A 151 8.62 8.17 2.66
CA GLY A 151 7.52 8.62 1.82
C GLY A 151 6.26 8.95 2.60
N VAL A 152 5.17 9.09 1.87
CA VAL A 152 3.90 9.45 2.46
C VAL A 152 2.74 8.62 1.95
N SER A 153 1.62 8.67 2.67
CA SER A 153 0.42 7.94 2.28
C SER A 153 -0.79 8.81 2.55
N ASN A 154 -1.72 8.84 1.60
CA ASN A 154 -2.94 9.63 1.76
C ASN A 154 -2.70 11.14 1.81
N TRP A 155 -1.62 11.60 1.18
CA TRP A 155 -1.30 13.02 1.10
C TRP A 155 -1.78 13.50 -0.26
N ASN A 156 -2.13 14.77 -0.39
CA ASN A 156 -2.54 15.26 -1.71
C ASN A 156 -1.33 15.91 -2.37
N ASN A 157 -1.47 16.27 -3.65
CA ASN A 157 -0.38 16.86 -4.40
C ASN A 157 0.23 18.12 -3.78
N ASP A 158 -0.62 19.00 -3.25
CA ASP A 158 -0.14 20.23 -2.64
C ASP A 158 0.70 19.97 -1.39
N GLN A 159 0.30 18.97 -0.60
CA GLN A 159 1.05 18.62 0.60
C GLN A 159 2.41 18.05 0.23
N ILE A 160 2.43 17.21 -0.80
CA ILE A 160 3.70 16.64 -1.24
C ILE A 160 4.62 17.74 -1.76
N SER A 161 4.05 18.67 -2.53
CA SER A 161 4.83 19.78 -3.07
C SER A 161 5.44 20.62 -1.95
N ARG A 162 4.67 20.83 -0.88
CA ARG A 162 5.16 21.61 0.26
C ARG A 162 6.33 20.89 0.92
N ALA A 163 6.29 19.56 0.94
CA ALA A 163 7.37 18.78 1.55
C ALA A 163 8.61 18.85 0.66
N LEU A 164 8.42 18.73 -0.65
CA LEU A 164 9.53 18.78 -1.60
C LEU A 164 10.24 20.12 -1.59
N ALA A 165 9.47 21.19 -1.48
CA ALA A 165 9.99 22.55 -1.48
C ALA A 165 11.01 22.85 -0.38
N LEU A 166 10.99 22.04 0.68
CA LEU A 166 11.91 22.23 1.79
C LEU A 166 13.37 22.03 1.40
N GLY A 167 13.59 21.31 0.31
CA GLY A 167 14.95 21.07 -0.13
C GLY A 167 15.69 20.03 0.69
N LEU A 168 14.95 19.18 1.38
CA LEU A 168 15.55 18.13 2.18
C LEU A 168 15.47 16.82 1.38
N THR A 169 15.49 15.69 2.06
CA THR A 169 15.40 14.40 1.38
C THR A 169 14.10 14.39 0.57
N PRO A 170 14.19 13.99 -0.71
CA PRO A 170 12.98 13.95 -1.55
C PRO A 170 12.00 12.87 -1.07
N VAL A 171 10.72 13.04 -1.42
CA VAL A 171 9.72 12.03 -1.08
C VAL A 171 10.00 10.90 -2.08
N HIS A 172 10.29 9.71 -1.60
CA HIS A 172 10.62 8.58 -2.49
C HIS A 172 9.41 7.78 -2.96
N ASN A 173 8.34 7.80 -2.18
CA ASN A 173 7.14 7.02 -2.52
C ASN A 173 5.87 7.64 -1.96
N SER A 174 4.76 7.41 -2.67
CA SER A 174 3.44 7.88 -2.26
C SER A 174 2.51 6.66 -2.38
N GLN A 175 1.89 6.28 -1.27
CA GLN A 175 0.98 5.16 -1.26
C GLN A 175 -0.43 5.67 -1.12
N VAL A 176 -1.26 5.38 -2.12
CA VAL A 176 -2.65 5.85 -2.12
C VAL A 176 -3.62 4.81 -2.67
N GLU A 177 -4.89 5.05 -2.46
CA GLU A 177 -5.93 4.17 -2.97
C GLU A 177 -5.88 4.33 -4.49
N LEU A 178 -5.77 3.22 -5.21
CA LEU A 178 -5.71 3.28 -6.65
C LEU A 178 -6.16 1.96 -7.27
N HIS A 179 -7.20 2.03 -8.07
CA HIS A 179 -7.74 0.86 -8.76
C HIS A 179 -8.51 1.36 -9.97
N LEU A 180 -8.98 0.44 -10.81
CA LEU A 180 -9.69 0.84 -12.02
C LEU A 180 -10.79 1.86 -11.81
N TYR A 181 -11.60 1.65 -10.77
CA TYR A 181 -12.71 2.56 -10.48
C TYR A 181 -12.33 3.77 -9.60
N PHE A 182 -11.05 4.12 -9.62
CA PHE A 182 -10.50 5.29 -8.91
C PHE A 182 -9.04 5.35 -9.37
N PRO A 183 -8.85 5.64 -10.68
CA PRO A 183 -7.60 5.76 -11.42
C PRO A 183 -6.50 6.68 -10.90
N GLN A 184 -6.90 7.77 -10.25
CA GLN A 184 -5.93 8.73 -9.74
C GLN A 184 -4.96 9.20 -10.84
N HIS A 185 -5.49 9.55 -12.01
CA HIS A 185 -4.65 10.00 -13.11
C HIS A 185 -3.82 11.22 -12.73
N ASP A 186 -4.46 12.19 -12.07
CA ASP A 186 -3.78 13.42 -11.66
C ASP A 186 -2.63 13.16 -10.69
N HIS A 187 -2.87 12.33 -9.68
CA HIS A 187 -1.83 12.04 -8.71
C HIS A 187 -0.64 11.31 -9.32
N VAL A 188 -0.91 10.29 -10.13
CA VAL A 188 0.15 9.52 -10.76
C VAL A 188 0.99 10.42 -11.68
N ASP A 189 0.32 11.28 -12.45
CA ASP A 189 1.06 12.18 -13.34
C ASP A 189 1.92 13.14 -12.52
N PHE A 190 1.38 13.62 -11.41
CA PHE A 190 2.11 14.52 -10.53
C PHE A 190 3.37 13.83 -9.99
N CYS A 191 3.20 12.61 -9.50
CA CYS A 191 4.32 11.85 -8.94
C CYS A 191 5.38 11.55 -9.99
N LYS A 192 4.95 11.20 -11.20
CA LYS A 192 5.90 10.91 -12.28
C LYS A 192 6.77 12.13 -12.55
N LYS A 193 6.14 13.31 -12.54
CA LYS A 193 6.85 14.55 -12.80
C LYS A 193 7.95 14.83 -11.78
N HIS A 194 7.72 14.42 -10.54
CA HIS A 194 8.68 14.64 -9.46
C HIS A 194 9.46 13.39 -9.07
N ASN A 195 9.48 12.40 -9.96
CA ASN A 195 10.20 11.15 -9.72
C ASN A 195 9.83 10.49 -8.40
N ILE A 196 8.54 10.46 -8.11
CA ILE A 196 8.04 9.84 -6.89
C ILE A 196 7.36 8.54 -7.29
N SER A 197 7.77 7.42 -6.70
CA SER A 197 7.15 6.15 -7.03
C SER A 197 5.75 6.14 -6.41
N VAL A 198 4.85 5.41 -7.04
CA VAL A 198 3.47 5.31 -6.55
C VAL A 198 3.11 3.87 -6.22
N THR A 199 2.54 3.67 -5.04
CA THR A 199 2.10 2.35 -4.61
C THR A 199 0.60 2.42 -4.44
N SER A 200 -0.08 1.47 -5.07
CA SER A 200 -1.53 1.39 -4.99
C SER A 200 -2.00 0.43 -3.92
N TYR A 201 -2.94 0.86 -3.10
CA TYR A 201 -3.52 -0.07 -2.12
C TYR A 201 -4.98 -0.21 -2.57
N ALA A 202 -5.66 -1.25 -2.11
CA ALA A 202 -7.04 -1.53 -2.51
C ALA A 202 -7.09 -1.70 -4.02
N THR A 203 -6.03 -2.31 -4.56
CA THR A 203 -5.90 -2.52 -5.99
C THR A 203 -7.03 -3.34 -6.61
N LEU A 204 -7.62 -4.24 -5.83
CA LEU A 204 -8.71 -5.09 -6.33
C LEU A 204 -10.08 -4.45 -6.23
N GLY A 205 -10.13 -3.20 -5.79
CA GLY A 205 -11.39 -2.49 -5.68
C GLY A 205 -12.37 -2.96 -4.61
N SER A 206 -13.64 -2.69 -4.85
CA SER A 206 -14.70 -3.06 -3.91
C SER A 206 -15.12 -4.52 -4.05
N PRO A 207 -15.83 -5.06 -3.04
CA PRO A 207 -16.30 -6.45 -3.07
C PRO A 207 -16.99 -6.81 -4.38
N GLY A 208 -16.46 -7.83 -5.06
CA GLY A 208 -17.03 -8.23 -6.33
C GLY A 208 -18.08 -9.32 -6.28
N ARG A 209 -18.29 -9.91 -5.11
CA ARG A 209 -19.26 -11.00 -4.96
C ARG A 209 -20.07 -10.93 -3.68
N VAL A 210 -21.25 -11.54 -3.73
CA VAL A 210 -22.15 -11.65 -2.58
C VAL A 210 -22.39 -13.14 -2.46
N ASN A 211 -21.99 -13.71 -1.34
CA ASN A 211 -22.15 -15.14 -1.11
C ASN A 211 -23.40 -15.46 -0.31
N PHE A 212 -23.99 -16.61 -0.59
CA PHE A 212 -25.19 -17.07 0.10
C PHE A 212 -24.86 -18.41 0.75
N THR A 213 -25.01 -18.49 2.06
CA THR A 213 -24.72 -19.71 2.79
C THR A 213 -25.83 -20.03 3.77
N LEU A 214 -26.21 -21.30 3.86
CA LEU A 214 -27.26 -21.71 4.77
C LEU A 214 -26.68 -21.81 6.18
N PRO A 215 -27.54 -21.76 7.22
CA PRO A 215 -27.10 -21.85 8.61
C PRO A 215 -26.21 -23.07 8.84
N THR A 216 -26.54 -24.16 8.14
CA THR A 216 -25.80 -25.41 8.26
C THR A 216 -24.36 -25.24 7.78
N GLY A 217 -24.14 -24.22 6.95
CA GLY A 217 -22.81 -23.98 6.42
C GLY A 217 -22.72 -24.34 4.95
N GLN A 218 -23.82 -24.86 4.41
CA GLN A 218 -23.88 -25.24 3.00
C GLN A 218 -23.78 -24.00 2.14
N LYS A 219 -22.78 -23.97 1.26
CA LYS A 219 -22.58 -22.84 0.37
C LYS A 219 -23.43 -22.93 -0.88
N LEU A 220 -24.14 -21.85 -1.19
CA LEU A 220 -25.00 -21.78 -2.36
C LEU A 220 -24.28 -20.98 -3.43
N ASP A 221 -24.97 -20.67 -4.53
CA ASP A 221 -24.36 -19.90 -5.60
C ASP A 221 -24.21 -18.43 -5.24
N TRP A 222 -23.08 -17.84 -5.63
CA TRP A 222 -22.83 -16.42 -5.35
C TRP A 222 -23.43 -15.57 -6.45
N ALA A 223 -23.49 -14.26 -6.21
CA ALA A 223 -24.01 -13.31 -7.19
C ALA A 223 -23.03 -12.14 -7.34
N PRO A 224 -22.87 -11.63 -8.56
CA PRO A 224 -21.95 -10.51 -8.79
C PRO A 224 -22.44 -9.21 -8.16
N ALA A 225 -21.50 -8.38 -7.72
CA ALA A 225 -21.84 -7.10 -7.11
C ALA A 225 -21.16 -6.00 -7.91
N PRO A 226 -21.76 -4.79 -7.97
CA PRO A 226 -21.18 -3.67 -8.72
C PRO A 226 -19.78 -3.39 -8.21
N SER A 227 -18.78 -3.58 -9.06
CA SER A 227 -17.40 -3.40 -8.66
C SER A 227 -16.43 -3.51 -9.82
N ASP A 228 -15.17 -3.17 -9.55
CA ASP A 228 -14.11 -3.23 -10.56
C ASP A 228 -14.01 -4.65 -11.12
N LEU A 229 -14.11 -5.63 -10.24
CA LEU A 229 -14.00 -7.03 -10.64
C LEU A 229 -15.10 -7.52 -11.57
N GLN A 230 -16.23 -6.80 -11.59
CA GLN A 230 -17.35 -7.19 -12.45
C GLN A 230 -17.51 -6.29 -13.66
N ASP A 231 -16.56 -5.38 -13.87
CA ASP A 231 -16.60 -4.48 -15.02
C ASP A 231 -16.62 -5.32 -16.30
N GLN A 232 -17.49 -4.97 -17.23
CA GLN A 232 -17.63 -5.71 -18.48
C GLN A 232 -16.33 -5.82 -19.25
N ASN A 233 -15.58 -4.72 -19.33
CA ASN A 233 -14.32 -4.71 -20.06
C ASN A 233 -13.28 -5.57 -19.34
N VAL A 234 -13.31 -5.56 -18.01
CA VAL A 234 -12.38 -6.37 -17.23
C VAL A 234 -12.65 -7.85 -17.49
N LEU A 235 -13.92 -8.25 -17.40
CA LEU A 235 -14.32 -9.63 -17.64
C LEU A 235 -13.97 -10.08 -19.05
N ALA A 236 -14.13 -9.18 -20.01
CA ALA A 236 -13.83 -9.47 -21.41
C ALA A 236 -12.33 -9.70 -21.61
N LEU A 237 -11.52 -8.85 -20.99
CA LEU A 237 -10.07 -8.97 -21.13
C LEU A 237 -9.57 -10.21 -20.38
N ALA A 238 -10.24 -10.55 -19.28
CA ALA A 238 -9.83 -11.73 -18.52
C ALA A 238 -10.04 -12.98 -19.36
N GLU A 239 -11.19 -13.04 -20.03
CA GLU A 239 -11.50 -14.19 -20.87
C GLU A 239 -10.52 -14.31 -22.03
N LYS A 240 -10.23 -13.18 -22.67
CA LYS A 240 -9.32 -13.16 -23.81
C LYS A 240 -7.89 -13.58 -23.46
N THR A 241 -7.43 -13.18 -22.29
CA THR A 241 -6.07 -13.48 -21.85
C THR A 241 -5.97 -14.77 -21.03
N HIS A 242 -7.12 -15.36 -20.73
CA HIS A 242 -7.18 -16.58 -19.94
C HIS A 242 -6.62 -16.31 -18.53
N LYS A 243 -6.83 -15.09 -18.06
CA LYS A 243 -6.39 -14.69 -16.72
C LYS A 243 -7.66 -14.40 -15.91
N THR A 244 -7.54 -14.28 -14.60
CA THR A 244 -8.71 -13.99 -13.78
C THR A 244 -8.93 -12.48 -13.71
N PRO A 245 -10.15 -12.05 -13.39
CA PRO A 245 -10.47 -10.62 -13.29
C PRO A 245 -9.52 -9.91 -12.32
N ALA A 246 -9.22 -10.57 -11.21
CA ALA A 246 -8.32 -9.98 -10.23
C ALA A 246 -6.92 -9.77 -10.82
N GLN A 247 -6.42 -10.76 -11.55
CA GLN A 247 -5.10 -10.63 -12.14
C GLN A 247 -5.09 -9.49 -13.15
N VAL A 248 -6.20 -9.28 -13.84
CA VAL A 248 -6.30 -8.19 -14.81
C VAL A 248 -6.26 -6.84 -14.08
N LEU A 249 -6.96 -6.73 -12.96
CA LEU A 249 -6.97 -5.48 -12.20
C LEU A 249 -5.58 -5.16 -11.65
N LEU A 250 -4.85 -6.19 -11.22
CA LEU A 250 -3.50 -5.99 -10.70
C LEU A 250 -2.56 -5.58 -11.83
N ARG A 251 -2.67 -6.22 -12.98
CA ARG A 251 -1.82 -5.91 -14.12
C ARG A 251 -2.13 -4.49 -14.60
N TYR A 252 -3.39 -4.09 -14.48
CA TYR A 252 -3.78 -2.74 -14.88
C TYR A 252 -2.96 -1.73 -14.10
N ALA A 253 -2.94 -1.87 -12.77
CA ALA A 253 -2.19 -0.95 -11.93
C ALA A 253 -0.69 -1.01 -12.23
N LEU A 254 -0.17 -2.20 -12.45
CA LEU A 254 1.25 -2.35 -12.75
C LEU A 254 1.63 -1.62 -14.03
N ASP A 255 0.81 -1.79 -15.07
CA ASP A 255 1.12 -1.14 -16.32
C ASP A 255 0.81 0.36 -16.34
N ARG A 256 0.19 0.85 -15.28
CA ARG A 256 -0.10 2.28 -15.12
C ARG A 256 1.20 2.87 -14.56
N GLY A 257 2.12 1.99 -14.15
CA GLY A 257 3.40 2.40 -13.61
C GLY A 257 3.45 2.45 -12.10
N CYS A 258 2.63 1.63 -11.46
CA CYS A 258 2.57 1.61 -9.99
C CYS A 258 2.98 0.28 -9.39
N ALA A 259 3.31 0.31 -8.10
CA ALA A 259 3.63 -0.92 -7.38
C ALA A 259 2.26 -1.27 -6.80
N ILE A 260 2.04 -2.53 -6.45
CA ILE A 260 0.75 -2.95 -5.91
C ILE A 260 0.83 -3.71 -4.59
N LEU A 261 -0.23 -3.64 -3.81
CA LEU A 261 -0.32 -4.28 -2.50
C LEU A 261 -1.63 -5.03 -2.28
N PRO A 262 -1.84 -6.15 -2.98
CA PRO A 262 -3.08 -6.93 -2.80
C PRO A 262 -3.21 -7.36 -1.33
N LYS A 263 -4.41 -7.21 -0.77
CA LYS A 263 -4.69 -7.53 0.64
C LYS A 263 -5.05 -8.97 0.96
N SER A 264 -5.30 -9.78 -0.06
CA SER A 264 -5.67 -11.18 0.13
C SER A 264 -4.84 -11.84 1.23
N ILE A 265 -5.50 -12.65 2.06
CA ILE A 265 -4.82 -13.35 3.15
C ILE A 265 -4.94 -14.86 2.99
N GLN A 266 -5.85 -15.28 2.12
CA GLN A 266 -6.06 -16.70 1.86
C GLN A 266 -4.93 -17.23 0.98
N GLU A 267 -4.42 -18.41 1.34
CA GLU A 267 -3.32 -19.03 0.61
C GLU A 267 -3.50 -19.06 -0.91
N ASN A 268 -4.66 -19.51 -1.37
CA ASN A 268 -4.92 -19.58 -2.80
C ASN A 268 -4.97 -18.22 -3.47
N ARG A 269 -5.51 -17.22 -2.77
CA ARG A 269 -5.58 -15.90 -3.36
C ARG A 269 -4.20 -15.24 -3.38
N ILE A 270 -3.40 -15.47 -2.34
CA ILE A 270 -2.07 -14.91 -2.29
C ILE A 270 -1.27 -15.45 -3.48
N LYS A 271 -1.45 -16.73 -3.79
CA LYS A 271 -0.75 -17.34 -4.91
C LYS A 271 -1.30 -16.82 -6.23
N GLU A 272 -2.62 -16.67 -6.30
CA GLU A 272 -3.28 -16.18 -7.51
C GLU A 272 -2.82 -14.77 -7.87
N ASN A 273 -2.79 -13.88 -6.87
CA ASN A 273 -2.40 -12.50 -7.12
C ASN A 273 -0.97 -12.33 -7.61
N PHE A 274 -0.11 -13.32 -7.37
CA PHE A 274 1.28 -13.23 -7.79
C PHE A 274 1.47 -13.62 -9.26
N GLU A 275 0.49 -14.32 -9.82
CA GLU A 275 0.57 -14.77 -11.21
C GLU A 275 0.14 -13.71 -12.20
N VAL A 276 0.88 -12.60 -12.23
CA VAL A 276 0.54 -11.50 -13.12
C VAL A 276 1.73 -11.06 -13.95
N PHE A 277 2.73 -11.94 -14.07
CA PHE A 277 3.94 -11.60 -14.84
C PHE A 277 4.09 -12.36 -16.15
N ASP A 278 3.03 -13.03 -16.58
CA ASP A 278 3.08 -13.79 -17.83
C ASP A 278 2.34 -13.07 -18.96
N PHE A 279 2.00 -11.82 -18.74
CA PHE A 279 1.30 -11.00 -19.74
C PHE A 279 1.44 -9.53 -19.38
N SER A 280 0.99 -8.65 -20.28
CA SER A 280 1.05 -7.22 -20.05
C SER A 280 -0.07 -6.53 -20.84
N LEU A 281 -0.43 -5.34 -20.38
CA LEU A 281 -1.49 -4.56 -21.02
C LEU A 281 -0.94 -3.39 -21.82
N THR A 282 -1.43 -3.23 -23.04
CA THR A 282 -1.02 -2.14 -23.92
C THR A 282 -1.82 -0.89 -23.58
N GLU A 283 -1.44 0.24 -24.16
CA GLU A 283 -2.15 1.50 -23.92
C GLU A 283 -3.61 1.35 -24.36
N GLU A 284 -3.83 0.61 -25.44
CA GLU A 284 -5.17 0.39 -25.95
C GLU A 284 -5.99 -0.39 -24.93
N ASP A 285 -5.39 -1.44 -24.37
CA ASP A 285 -6.05 -2.27 -23.36
C ASP A 285 -6.44 -1.43 -22.15
N ILE A 286 -5.51 -0.59 -21.70
CA ILE A 286 -5.74 0.28 -20.55
C ILE A 286 -6.90 1.23 -20.83
N ALA A 287 -6.88 1.85 -22.01
CA ALA A 287 -7.94 2.79 -22.40
C ALA A 287 -9.30 2.10 -22.40
N LYS A 288 -9.34 0.88 -22.93
CA LYS A 288 -10.58 0.13 -23.00
C LYS A 288 -11.12 -0.12 -21.59
N LEU A 289 -10.25 -0.52 -20.67
CA LEU A 289 -10.69 -0.79 -19.31
C LEU A 289 -11.21 0.46 -18.62
N GLU A 290 -10.70 1.62 -19.00
CA GLU A 290 -11.12 2.88 -18.38
C GLU A 290 -12.33 3.52 -19.04
N GLU A 291 -12.90 2.88 -20.06
CA GLU A 291 -14.03 3.47 -20.77
C GLU A 291 -15.29 3.72 -19.92
N SER A 292 -15.53 2.90 -18.90
CA SER A 292 -16.71 3.09 -18.06
C SER A 292 -16.68 4.45 -17.36
N LYS A 293 -15.47 4.97 -17.18
CA LYS A 293 -15.25 6.25 -16.52
C LYS A 293 -15.67 6.27 -15.05
N ASN A 294 -15.98 5.10 -14.48
CA ASN A 294 -16.36 5.03 -13.08
C ASN A 294 -15.19 5.48 -12.21
N SER A 295 -15.48 6.39 -11.28
CA SER A 295 -14.45 6.89 -10.38
C SER A 295 -15.08 7.34 -9.07
N GLN A 296 -14.69 6.69 -7.98
CA GLN A 296 -15.22 7.03 -6.66
C GLN A 296 -14.28 6.54 -5.58
N ARG A 297 -13.88 7.44 -4.70
CA ARG A 297 -12.98 7.10 -3.60
C ARG A 297 -13.71 6.21 -2.59
N LEU A 298 -13.13 5.05 -2.30
CA LEU A 298 -13.72 4.10 -1.36
C LEU A 298 -13.27 4.33 0.08
N PHE A 299 -12.04 4.80 0.23
CA PHE A 299 -11.48 5.05 1.55
C PHE A 299 -11.41 6.56 1.80
N LEU A 300 -12.45 7.09 2.43
CA LEU A 300 -12.55 8.50 2.71
C LEU A 300 -11.68 9.01 3.86
N GLN A 301 -11.19 8.10 4.71
CA GLN A 301 -10.36 8.49 5.84
C GLN A 301 -11.00 9.73 6.49
N ASP A 302 -12.32 9.68 6.69
CA ASP A 302 -13.06 10.82 7.23
C ASP A 302 -12.77 11.27 8.66
N PHE A 303 -11.95 10.52 9.38
CA PHE A 303 -11.57 10.94 10.72
C PHE A 303 -10.72 12.21 10.61
N MET A 304 -10.23 12.50 9.40
CA MET A 304 -9.42 13.69 9.16
C MET A 304 -10.28 14.94 8.97
N THR A 305 -11.58 14.76 8.84
CA THR A 305 -12.51 15.88 8.63
C THR A 305 -12.30 16.98 9.68
N GLY A 306 -12.09 18.21 9.21
CA GLY A 306 -11.90 19.32 10.13
C GLY A 306 -10.45 19.61 10.50
N HIS A 307 -9.57 18.67 10.21
CA HIS A 307 -8.16 18.85 10.52
C HIS A 307 -7.56 19.78 9.48
N PRO A 308 -6.71 20.72 9.89
CA PRO A 308 -6.10 21.65 8.93
C PRO A 308 -5.31 20.98 7.81
N GLU A 309 -4.84 19.75 8.05
CA GLU A 309 -4.10 19.04 7.00
C GLU A 309 -4.91 17.87 6.42
N ASP A 310 -6.24 18.01 6.41
CA ASP A 310 -7.09 16.97 5.83
C ASP A 310 -6.80 16.98 4.32
N ALA A 311 -6.18 15.90 3.84
CA ALA A 311 -5.82 15.80 2.42
C ALA A 311 -6.99 15.85 1.45
N PHE A 312 -8.17 15.42 1.91
CA PHE A 312 -9.35 15.39 1.06
C PHE A 312 -10.40 16.43 1.47
N ALA A 313 -9.95 17.48 2.15
CA ALA A 313 -10.84 18.54 2.62
C ALA A 313 -11.86 19.02 1.59
N ALA A 314 -11.43 19.14 0.33
CA ALA A 314 -12.30 19.61 -0.74
C ALA A 314 -13.46 18.67 -1.09
N GLU A 315 -13.37 17.42 -0.64
CA GLU A 315 -14.41 16.43 -0.93
C GLU A 315 -15.41 16.26 0.22
N ARG A 316 -15.15 16.89 1.36
CA ARG A 316 -16.04 16.76 2.50
C ARG A 316 -17.35 17.51 2.28
#